data_6RZR
#
_entry.id   6RZR
#
_cell.length_a   48.207
_cell.length_b   90.925
_cell.length_c   120.811
_cell.angle_alpha   90.000
_cell.angle_beta   90.000
_cell.angle_gamma   90.000
#
_symmetry.space_group_name_H-M   'P 21 21 21'
#
loop_
_entity.id
_entity.type
_entity.pdbx_description
1 polymer Beta-lactamase
2 non-polymer 'ZINC ION'
3 non-polymer 1,2-ETHANEDIOL
4 non-polymer '(2R)-2-[(2S,3R)-1,3-bis(oxidanyl)-1-oxidanylidene-butan-2-yl]-4-(2-methanimidamidoethylsulfanyl)-2,3-dihydro-1H-pyrrole -5-carboxylic acid'
5 water water
#
_entity_poly.entity_id   1
_entity_poly.type   'polypeptide(L)'
_entity_poly.pdbx_seq_one_letter_code
;GALPDLKIEKLEEGVFVHTSFEEVNGWGVVTKHGLVVLVNTDAYLIDTPFTATDTEKLVNWFVERGYEIKGTISSHFHSD
STGGIEWLNSQSIPTYASELTNELLKKSGKVQAKYSFSEVSYWLVKNKIEVFYPGPGHTQDNLVVWLPESKILFGGCFIK
PHGLGNLGDANLEAWPKSAKILMSKYGKAKLVVSSHSEKGDASLMKRTWEQALKGLKESKKTSSPSN
;
_entity_poly.pdbx_strand_id   A,B
#
# COMPACT_ATOMS: atom_id res chain seq x y z
N LEU A 3 -2.95 30.33 20.84
CA LEU A 3 -1.72 29.76 20.18
C LEU A 3 -1.47 30.48 18.87
N PRO A 4 -0.20 30.65 18.43
CA PRO A 4 0.07 31.35 17.19
C PRO A 4 -0.50 30.66 15.95
N ASP A 5 -0.71 31.46 14.90
CA ASP A 5 -1.08 31.01 13.53
C ASP A 5 0.05 30.17 12.97
N LEU A 6 -0.30 29.32 12.02
CA LEU A 6 0.64 28.55 11.18
C LEU A 6 1.74 29.49 10.65
N LYS A 7 2.97 29.01 10.67
CA LYS A 7 4.16 29.69 10.15
C LYS A 7 4.53 29.00 8.82
N ILE A 8 5.06 29.76 7.88
CA ILE A 8 5.56 29.24 6.58
C ILE A 8 6.94 29.80 6.40
N GLU A 9 7.89 28.95 6.06
CA GLU A 9 9.30 29.31 5.92
C GLU A 9 9.83 28.62 4.67
N LYS A 10 10.49 29.36 3.81
CA LYS A 10 11.12 28.81 2.60
C LYS A 10 12.38 28.04 3.00
N LEU A 11 12.55 26.82 2.50
CA LEU A 11 13.82 26.03 2.69
C LEU A 11 14.75 26.34 1.53
N GLU A 12 14.21 26.30 0.31
CA GLU A 12 14.96 26.59 -0.91
C GLU A 12 13.94 26.76 -2.02
N GLU A 13 14.40 27.01 -3.24
CA GLU A 13 13.46 27.28 -4.37
C GLU A 13 12.45 26.12 -4.40
N GLY A 14 11.17 26.41 -4.19
CA GLY A 14 10.09 25.41 -4.42
C GLY A 14 9.78 24.52 -3.21
N VAL A 15 10.41 24.75 -2.08
CA VAL A 15 10.19 23.90 -0.87
C VAL A 15 10.03 24.81 0.34
N PHE A 16 8.90 24.66 1.01
CA PHE A 16 8.51 25.43 2.19
C PHE A 16 8.24 24.43 3.31
N VAL A 17 8.58 24.86 4.52
CA VAL A 17 8.12 24.20 5.77
C VAL A 17 6.92 24.96 6.30
N HIS A 18 5.87 24.23 6.66
CA HIS A 18 4.75 24.81 7.42
C HIS A 18 4.81 24.23 8.82
N THR A 19 4.63 25.10 9.80
CA THR A 19 4.69 24.71 11.23
C THR A 19 3.39 25.11 11.87
N SER A 20 2.72 24.16 12.51
CA SER A 20 1.48 24.45 13.26
C SER A 20 1.62 23.96 14.69
N PHE A 21 0.81 24.56 15.55
CA PHE A 21 0.87 24.34 17.01
C PHE A 21 -0.51 23.93 17.48
N GLU A 22 -0.61 22.90 18.29
CA GLU A 22 -1.90 22.47 18.86
C GLU A 22 -1.68 21.84 20.23
N GLU A 23 -2.51 22.19 21.21
CA GLU A 23 -2.50 21.45 22.49
C GLU A 23 -3.17 20.09 22.25
N VAL A 24 -2.52 18.99 22.61
CA VAL A 24 -3.11 17.64 22.45
C VAL A 24 -2.98 16.92 23.81
N ASN A 25 -4.11 16.80 24.52
CA ASN A 25 -4.36 15.83 25.61
C ASN A 25 -3.10 15.08 26.06
N GLY A 26 -2.40 15.60 27.05
CA GLY A 26 -1.27 14.93 27.73
C GLY A 26 0.10 15.13 27.09
N TRP A 27 0.20 15.72 25.89
CA TRP A 27 1.50 16.03 25.21
CA TRP A 27 1.49 16.04 25.20
C TRP A 27 1.77 17.55 25.24
N GLY A 28 0.88 18.34 25.83
CA GLY A 28 1.02 19.82 25.87
C GLY A 28 0.88 20.37 24.47
N VAL A 29 1.53 21.50 24.17
CA VAL A 29 1.46 22.12 22.83
C VAL A 29 2.45 21.33 21.98
N VAL A 30 1.96 20.77 20.89
CA VAL A 30 2.79 20.03 19.91
C VAL A 30 3.15 20.99 18.78
N THR A 31 4.42 21.01 18.42
CA THR A 31 4.92 21.72 17.23
C THR A 31 5.01 20.69 16.09
N LYS A 32 4.34 20.90 14.97
CA LYS A 32 4.27 19.94 13.84
C LYS A 32 4.77 20.62 12.57
N HIS A 33 5.78 20.03 11.95
CA HIS A 33 6.28 20.50 10.62
C HIS A 33 5.67 19.63 9.49
N GLY A 34 5.20 20.29 8.43
CA GLY A 34 4.94 19.69 7.11
C GLY A 34 5.70 20.44 6.04
N LEU A 35 5.53 20.06 4.77
CA LEU A 35 6.14 20.79 3.64
C LEU A 35 5.04 21.31 2.70
N VAL A 36 5.39 22.31 1.91
CA VAL A 36 4.70 22.63 0.62
C VAL A 36 5.76 22.55 -0.46
N VAL A 37 5.46 21.77 -1.48
CA VAL A 37 6.34 21.58 -2.65
C VAL A 37 5.70 22.22 -3.87
N LEU A 38 6.47 23.01 -4.60
CA LEU A 38 6.00 23.64 -5.87
C LEU A 38 6.50 22.80 -7.03
N VAL A 39 5.61 22.47 -7.94
CA VAL A 39 5.93 21.95 -9.30
C VAL A 39 5.40 22.99 -10.28
N ASN A 40 6.28 23.80 -10.88
CA ASN A 40 5.91 24.98 -11.72
C ASN A 40 4.98 25.85 -10.87
N THR A 41 3.75 26.11 -11.31
CA THR A 41 2.79 26.98 -10.57
C THR A 41 1.79 26.12 -9.77
N ASP A 42 2.04 24.82 -9.63
CA ASP A 42 1.23 23.90 -8.79
C ASP A 42 1.90 23.70 -7.42
N ALA A 43 1.10 23.65 -6.34
CA ALA A 43 1.58 23.44 -4.96
C ALA A 43 1.02 22.13 -4.41
N TYR A 44 1.83 21.38 -3.66
CA TYR A 44 1.42 20.13 -3.00
C TYR A 44 1.69 20.24 -1.51
N LEU A 45 0.72 19.90 -0.69
CA LEU A 45 0.85 19.88 0.78
C LEU A 45 1.35 18.49 1.19
N ILE A 46 2.46 18.46 1.91
CA ILE A 46 3.04 17.24 2.51
C ILE A 46 2.66 17.29 4.00
N ASP A 47 1.64 16.52 4.36
CA ASP A 47 0.88 16.56 5.63
C ASP A 47 0.04 17.85 5.69
N THR A 48 -1.10 17.74 6.33
CA THR A 48 -1.98 18.88 6.66
C THR A 48 -1.60 19.32 8.06
N PRO A 49 -1.71 20.63 8.35
CA PRO A 49 -1.66 21.09 9.73
C PRO A 49 -2.81 20.46 10.52
N PHE A 50 -2.78 20.67 11.82
CA PHE A 50 -3.72 20.07 12.80
C PHE A 50 -5.17 20.42 12.49
N THR A 51 -5.45 21.66 12.05
CA THR A 51 -6.82 22.22 12.05
C THR A 51 -7.25 22.65 10.66
N ALA A 52 -8.57 22.70 10.43
CA ALA A 52 -9.18 23.37 9.26
C ALA A 52 -8.62 24.77 9.14
N THR A 53 -8.62 25.54 10.23
CA THR A 53 -8.19 26.95 10.25
C THR A 53 -6.76 27.09 9.72
N ASP A 54 -5.80 26.31 10.26
CA ASP A 54 -4.39 26.41 9.81
C ASP A 54 -4.29 25.94 8.35
N THR A 55 -5.04 24.92 7.94
CA THR A 55 -5.00 24.38 6.56
C THR A 55 -5.50 25.49 5.61
N GLU A 56 -6.54 26.20 6.00
CA GLU A 56 -7.09 27.31 5.18
C GLU A 56 -6.06 28.43 5.06
N LYS A 57 -5.41 28.80 6.18
CA LYS A 57 -4.35 29.85 6.19
C LYS A 57 -3.26 29.42 5.21
N LEU A 58 -2.87 28.14 5.26
CA LEU A 58 -1.75 27.63 4.42
C LEU A 58 -2.15 27.70 2.95
N VAL A 59 -3.31 27.16 2.60
CA VAL A 59 -3.83 27.19 1.21
C VAL A 59 -3.89 28.64 0.74
N ASN A 60 -4.53 29.52 1.51
CA ASN A 60 -4.75 30.93 1.11
C ASN A 60 -3.40 31.63 0.87
N TRP A 61 -2.37 31.28 1.65
CA TRP A 61 -1.05 31.93 1.51
C TRP A 61 -0.48 31.62 0.12
N PHE A 62 -0.61 30.39 -0.37
CA PHE A 62 -0.04 29.97 -1.67
C PHE A 62 -0.97 30.44 -2.80
N VAL A 63 -2.26 30.46 -2.56
CA VAL A 63 -3.25 30.93 -3.59
C VAL A 63 -2.99 32.41 -3.87
N GLU A 64 -2.84 33.23 -2.83
CA GLU A 64 -2.53 34.68 -2.93
C GLU A 64 -1.19 34.92 -3.63
N ARG A 65 -0.24 33.97 -3.59
CA ARG A 65 1.07 34.12 -4.27
CA ARG A 65 1.08 34.11 -4.26
C ARG A 65 1.03 33.51 -5.67
N GLY A 66 -0.15 33.10 -6.14
CA GLY A 66 -0.35 32.77 -7.55
C GLY A 66 -0.34 31.27 -7.84
N TYR A 67 -0.32 30.41 -6.81
CA TYR A 67 -0.21 28.94 -6.98
C TYR A 67 -1.60 28.31 -6.96
N GLU A 68 -1.76 27.21 -7.69
CA GLU A 68 -2.93 26.30 -7.54
C GLU A 68 -2.54 25.17 -6.59
N ILE A 69 -3.40 24.82 -5.63
CA ILE A 69 -3.14 23.65 -4.74
C ILE A 69 -3.61 22.39 -5.47
N LYS A 70 -2.69 21.59 -6.00
CA LYS A 70 -3.04 20.41 -6.82
C LYS A 70 -3.30 19.18 -5.99
N GLY A 71 -2.83 19.10 -4.74
CA GLY A 71 -2.92 17.81 -4.02
C GLY A 71 -2.24 17.83 -2.67
N THR A 72 -2.70 16.97 -1.78
CA THR A 72 -2.14 16.78 -0.43
C THR A 72 -1.88 15.30 -0.22
N ILE A 73 -0.86 15.00 0.59
CA ILE A 73 -0.54 13.60 1.01
C ILE A 73 -0.37 13.61 2.53
N SER A 74 -1.04 12.70 3.21
CA SER A 74 -0.93 12.50 4.68
C SER A 74 0.04 11.34 4.92
N SER A 75 1.05 11.56 5.77
CA SER A 75 2.13 10.57 6.02
C SER A 75 1.58 9.46 6.90
N HIS A 76 0.54 9.70 7.69
CA HIS A 76 -0.08 8.66 8.54
C HIS A 76 -1.39 9.15 9.08
N PHE A 77 -2.11 8.29 9.81
CA PHE A 77 -3.55 8.51 10.11
C PHE A 77 -3.74 9.50 11.26
N HIS A 78 -2.74 9.76 12.12
CA HIS A 78 -2.90 10.67 13.30
C HIS A 78 -3.26 12.10 12.85
N SER A 79 -3.84 12.88 13.75
CA SER A 79 -4.42 14.22 13.46
C SER A 79 -3.34 15.22 13.09
N ASP A 80 -2.09 15.09 13.56
CA ASP A 80 -1.03 16.04 13.14
C ASP A 80 -0.70 15.91 11.63
N SER A 81 -1.12 14.85 10.94
CA SER A 81 -0.91 14.67 9.48
C SER A 81 -2.20 14.83 8.65
N THR A 82 -3.36 14.68 9.28
CA THR A 82 -4.64 14.49 8.56
C THR A 82 -5.71 15.52 8.97
N GLY A 83 -5.45 16.38 9.96
CA GLY A 83 -6.47 17.25 10.56
C GLY A 83 -7.15 18.14 9.54
N GLY A 84 -6.44 18.51 8.49
CA GLY A 84 -6.96 19.36 7.40
C GLY A 84 -7.79 18.64 6.35
N ILE A 85 -7.84 17.29 6.34
CA ILE A 85 -8.39 16.56 5.17
C ILE A 85 -9.86 16.99 4.93
N GLU A 86 -10.68 17.02 5.97
CA GLU A 86 -12.12 17.36 5.83
C GLU A 86 -12.27 18.71 5.13
N TRP A 87 -11.51 19.72 5.57
CA TRP A 87 -11.60 21.07 4.96
C TRP A 87 -11.14 21.02 3.50
N LEU A 88 -10.00 20.39 3.21
CA LEU A 88 -9.52 20.30 1.80
C LEU A 88 -10.58 19.62 0.92
N ASN A 89 -11.21 18.56 1.40
CA ASN A 89 -12.25 17.80 0.64
C ASN A 89 -13.39 18.79 0.28
N SER A 90 -13.80 19.63 1.23
CA SER A 90 -14.95 20.56 1.08
C SER A 90 -14.59 21.62 0.04
N GLN A 91 -13.29 21.87 -0.18
CA GLN A 91 -12.81 22.82 -1.20
C GLN A 91 -12.48 22.11 -2.51
N SER A 92 -12.69 20.82 -2.61
CA SER A 92 -12.37 20.01 -3.82
C SER A 92 -10.87 20.09 -4.13
N ILE A 93 -10.03 20.13 -3.09
CA ILE A 93 -8.55 19.99 -3.27
C ILE A 93 -8.28 18.51 -3.04
N PRO A 94 -7.74 17.80 -4.06
CA PRO A 94 -7.51 16.35 -3.97
C PRO A 94 -6.63 15.98 -2.77
N THR A 95 -7.13 15.12 -1.89
CA THR A 95 -6.40 14.53 -0.73
C THR A 95 -6.03 13.09 -1.05
N TYR A 96 -4.81 12.69 -0.63
CA TYR A 96 -4.23 11.36 -0.89
C TYR A 96 -3.76 10.77 0.45
N ALA A 97 -3.99 9.48 0.62
CA ALA A 97 -3.48 8.67 1.75
C ALA A 97 -3.34 7.24 1.26
N SER A 98 -2.55 6.41 1.92
CA SER A 98 -2.46 4.99 1.58
C SER A 98 -3.83 4.38 1.90
N GLU A 99 -4.13 3.23 1.31
CA GLU A 99 -5.39 2.50 1.60
C GLU A 99 -5.39 2.14 3.07
N LEU A 100 -4.24 1.76 3.61
CA LEU A 100 -4.12 1.38 5.05
C LEU A 100 -4.48 2.60 5.88
N THR A 101 -3.90 3.76 5.58
CA THR A 101 -4.16 5.01 6.32
C THR A 101 -5.64 5.32 6.26
N ASN A 102 -6.24 5.26 5.07
CA ASN A 102 -7.69 5.59 4.94
C ASN A 102 -8.53 4.63 5.78
N GLU A 103 -8.15 3.35 5.87
CA GLU A 103 -8.92 2.38 6.70
C GLU A 103 -8.69 2.64 8.19
N LEU A 104 -7.51 3.11 8.58
CA LEU A 104 -7.22 3.47 9.99
C LEU A 104 -8.02 4.73 10.36
N LEU A 105 -8.13 5.67 9.43
CA LEU A 105 -8.97 6.88 9.62
C LEU A 105 -10.42 6.42 9.83
N LYS A 106 -10.95 5.61 8.92
CA LYS A 106 -12.35 5.08 8.99
C LYS A 106 -12.60 4.43 10.35
N LYS A 107 -11.73 3.51 10.75
CA LYS A 107 -11.82 2.76 12.05
C LYS A 107 -11.78 3.72 13.25
N SER A 108 -11.14 4.90 13.11
CA SER A 108 -11.05 5.96 14.14
C SER A 108 -12.21 6.95 14.03
N GLY A 109 -13.12 6.76 13.07
CA GLY A 109 -14.28 7.64 12.85
C GLY A 109 -13.87 9.00 12.33
N LYS A 110 -12.80 9.09 11.55
CA LYS A 110 -12.28 10.37 10.97
C LYS A 110 -12.59 10.38 9.48
N VAL A 111 -12.61 11.55 8.88
CA VAL A 111 -12.83 11.71 7.42
C VAL A 111 -11.62 11.15 6.67
N GLN A 112 -11.89 10.52 5.51
CA GLN A 112 -10.86 9.85 4.69
C GLN A 112 -10.37 10.80 3.60
N ALA A 113 -9.14 10.57 3.13
CA ALA A 113 -8.64 11.21 1.90
C ALA A 113 -9.52 10.71 0.73
N LYS A 114 -9.68 11.51 -0.30
CA LYS A 114 -10.54 11.17 -1.46
C LYS A 114 -9.85 10.11 -2.33
N TYR A 115 -8.52 10.15 -2.46
CA TYR A 115 -7.74 9.21 -3.30
C TYR A 115 -6.82 8.36 -2.41
N SER A 116 -6.72 7.07 -2.69
CA SER A 116 -5.80 6.17 -1.94
C SER A 116 -4.94 5.35 -2.90
N PHE A 117 -3.89 4.71 -2.40
CA PHE A 117 -2.92 3.94 -3.21
C PHE A 117 -2.34 2.88 -2.27
N SER A 118 -1.87 1.76 -2.80
CA SER A 118 -1.46 0.58 -1.98
C SER A 118 0.03 0.29 -2.19
N GLU A 119 0.65 0.96 -3.14
CA GLU A 119 2.05 0.70 -3.56
C GLU A 119 2.98 1.12 -2.43
N VAL A 120 4.07 0.38 -2.26
CA VAL A 120 5.16 0.71 -1.31
C VAL A 120 5.86 2.00 -1.74
N SER A 121 6.24 2.13 -3.01
CA SER A 121 6.75 3.37 -3.66
C SER A 121 5.67 3.95 -4.59
N TYR A 122 5.12 5.11 -4.28
CA TYR A 122 4.07 5.76 -5.10
C TYR A 122 4.57 7.14 -5.54
N TRP A 123 4.56 7.37 -6.85
CA TRP A 123 4.80 8.73 -7.41
C TRP A 123 3.52 9.56 -7.28
N LEU A 124 3.44 10.48 -6.31
CA LEU A 124 2.34 11.48 -6.27
C LEU A 124 2.45 12.37 -7.50
N VAL A 125 3.67 12.83 -7.78
CA VAL A 125 4.06 13.57 -9.02
C VAL A 125 5.31 12.90 -9.58
N LYS A 126 5.21 12.34 -10.80
CA LYS A 126 6.29 11.54 -11.45
C LYS A 126 7.59 12.33 -11.46
N ASN A 127 8.67 11.71 -10.94
CA ASN A 127 10.04 12.26 -10.92
C ASN A 127 10.17 13.46 -9.96
N LYS A 128 9.10 13.87 -9.25
CA LYS A 128 9.11 15.09 -8.41
C LYS A 128 8.80 14.76 -6.93
N ILE A 129 7.78 13.95 -6.67
CA ILE A 129 7.28 13.67 -5.28
C ILE A 129 6.99 12.17 -5.18
N GLU A 130 7.85 11.46 -4.46
CA GLU A 130 7.72 10.02 -4.19
C GLU A 130 7.24 9.80 -2.76
N VAL A 131 6.29 8.90 -2.56
CA VAL A 131 5.74 8.48 -1.24
C VAL A 131 6.21 7.04 -0.98
N PHE A 132 6.84 6.77 0.15
CA PHE A 132 7.53 5.48 0.43
C PHE A 132 7.11 4.95 1.80
N TYR A 133 6.79 3.66 1.86
CA TYR A 133 6.47 2.96 3.10
C TYR A 133 7.72 2.21 3.55
N PRO A 134 8.46 2.65 4.59
CA PRO A 134 9.67 1.91 5.00
C PRO A 134 9.32 0.66 5.82
N GLY A 135 8.08 0.57 6.30
CA GLY A 135 7.64 -0.41 7.32
C GLY A 135 7.14 0.28 8.58
N PRO A 136 6.51 -0.46 9.50
CA PRO A 136 5.95 0.12 10.71
C PRO A 136 7.03 0.72 11.61
N GLY A 137 6.65 1.78 12.35
CA GLY A 137 7.49 2.36 13.40
C GLY A 137 6.67 3.12 14.40
N HIS A 138 6.61 4.43 14.20
CA HIS A 138 5.70 5.33 14.92
C HIS A 138 4.28 4.79 14.81
N THR A 139 3.86 4.40 13.61
CA THR A 139 2.58 3.69 13.39
C THR A 139 2.78 2.57 12.37
N GLN A 140 1.75 1.74 12.20
CA GLN A 140 1.72 0.63 11.22
C GLN A 140 1.78 1.20 9.80
N ASP A 141 1.19 2.39 9.58
CA ASP A 141 0.94 2.96 8.22
C ASP A 141 1.97 4.04 7.82
N ASN A 142 2.94 4.50 8.72
N ASN A 142 2.97 4.36 8.64
CA ASN A 142 3.67 5.75 8.48
CA ASN A 142 3.74 5.63 8.49
C ASN A 142 4.42 5.71 7.15
C ASN A 142 4.52 5.63 7.16
N LEU A 143 4.41 6.74 6.44
CA LEU A 143 5.06 7.01 5.14
C LEU A 143 6.06 8.14 5.26
N VAL A 144 7.01 8.15 4.35
CA VAL A 144 7.95 9.27 4.14
C VAL A 144 7.74 9.83 2.73
N VAL A 145 8.16 11.06 2.52
CA VAL A 145 8.08 11.70 1.19
C VAL A 145 9.45 12.16 0.73
N TRP A 146 9.81 11.77 -0.48
CA TRP A 146 11.14 12.04 -1.08
C TRP A 146 10.98 12.99 -2.25
N LEU A 147 11.81 14.02 -2.29
CA LEU A 147 11.86 15.04 -3.36
C LEU A 147 13.15 14.85 -4.11
N PRO A 148 13.16 14.08 -5.23
CA PRO A 148 14.38 13.70 -5.93
C PRO A 148 15.22 14.89 -6.42
N GLU A 149 14.58 16.00 -6.82
CA GLU A 149 15.30 17.16 -7.40
C GLU A 149 16.06 17.87 -6.28
N SER A 150 15.46 18.08 -5.11
CA SER A 150 16.10 18.80 -3.99
C SER A 150 16.91 17.84 -3.10
N LYS A 151 16.70 16.52 -3.24
CA LYS A 151 17.22 15.49 -2.30
C LYS A 151 16.77 15.77 -0.85
N ILE A 152 15.55 16.25 -0.67
CA ILE A 152 14.97 16.41 0.69
C ILE A 152 14.09 15.20 0.97
N LEU A 153 14.23 14.65 2.17
CA LEU A 153 13.32 13.63 2.73
C LEU A 153 12.46 14.25 3.83
N PHE A 154 11.15 14.11 3.70
CA PHE A 154 10.18 14.40 4.77
C PHE A 154 9.90 13.07 5.49
N GLY A 155 10.33 12.95 6.75
CA GLY A 155 10.25 11.67 7.50
C GLY A 155 9.02 11.60 8.38
N GLY A 156 8.24 12.69 8.49
CA GLY A 156 7.06 12.74 9.37
C GLY A 156 7.35 12.34 10.80
N CYS A 157 6.46 11.53 11.39
CA CYS A 157 6.58 11.14 12.82
C CYS A 157 7.43 9.87 12.96
N PHE A 158 7.94 9.34 11.84
CA PHE A 158 8.82 8.15 11.84
C PHE A 158 10.24 8.57 12.27
N ILE A 159 10.69 9.76 11.86
CA ILE A 159 12.05 10.27 12.21
C ILE A 159 12.00 10.81 13.63
N LYS A 160 12.77 10.20 14.54
CA LYS A 160 12.74 10.47 15.99
C LYS A 160 14.14 10.37 16.58
N PRO A 161 14.96 11.42 16.40
CA PRO A 161 16.37 11.36 16.80
C PRO A 161 16.67 11.47 18.29
N HIS A 162 15.70 11.90 19.10
CA HIS A 162 15.89 12.10 20.57
CA HIS A 162 15.87 12.22 20.54
C HIS A 162 14.53 11.96 21.26
N GLY A 163 14.10 10.70 21.39
CA GLY A 163 12.80 10.40 22.03
C GLY A 163 11.75 10.05 20.99
N LEU A 164 11.05 8.93 21.17
CA LEU A 164 10.13 8.34 20.17
C LEU A 164 8.75 9.03 20.22
N GLY A 165 8.46 9.73 21.31
CA GLY A 165 7.19 10.43 21.54
C GLY A 165 6.05 9.45 21.79
N ASN A 166 4.89 9.65 21.16
CA ASN A 166 3.65 8.86 21.38
C ASN A 166 3.85 7.42 20.91
N LEU A 167 3.88 6.45 21.84
CA LEU A 167 4.11 5.02 21.55
C LEU A 167 2.76 4.27 21.49
N GLY A 168 1.64 4.97 21.65
CA GLY A 168 0.32 4.34 21.74
C GLY A 168 0.05 3.42 20.57
N ASP A 169 0.48 3.80 19.36
CA ASP A 169 0.15 3.08 18.11
C ASP A 169 1.43 2.57 17.46
N ALA A 170 2.53 2.58 18.21
CA ALA A 170 3.88 2.29 17.68
C ALA A 170 4.10 0.78 17.60
N ASN A 171 4.97 0.36 16.69
CA ASN A 171 5.44 -1.03 16.49
C ASN A 171 6.95 -1.04 16.78
N LEU A 172 7.31 -1.14 18.06
CA LEU A 172 8.73 -1.07 18.52
C LEU A 172 9.52 -2.23 17.95
N GLU A 173 8.92 -3.41 17.79
CA GLU A 173 9.59 -4.59 17.17
C GLU A 173 10.01 -4.28 15.74
N ALA A 174 9.15 -3.61 14.95
CA ALA A 174 9.41 -3.38 13.51
C ALA A 174 10.29 -2.14 13.29
N TRP A 175 10.25 -1.18 14.21
CA TRP A 175 10.78 0.17 13.95
C TRP A 175 12.24 0.11 13.54
N PRO A 176 13.12 -0.63 14.28
CA PRO A 176 14.52 -0.70 13.89
C PRO A 176 14.69 -1.21 12.44
N LYS A 177 13.93 -2.24 12.06
CA LYS A 177 14.03 -2.83 10.70
C LYS A 177 13.58 -1.79 9.66
N SER A 178 12.46 -1.12 9.93
CA SER A 178 11.92 -0.04 9.06
C SER A 178 12.94 1.09 8.95
N ALA A 179 13.65 1.42 10.04
CA ALA A 179 14.68 2.48 10.03
C ALA A 179 15.84 2.08 9.15
N LYS A 180 16.23 0.81 9.18
CA LYS A 180 17.31 0.31 8.31
C LYS A 180 16.87 0.39 6.85
N ILE A 181 15.66 -0.04 6.56
CA ILE A 181 15.14 0.04 5.17
C ILE A 181 15.21 1.50 4.69
N LEU A 182 14.81 2.46 5.52
CA LEU A 182 14.81 3.89 5.15
C LEU A 182 16.24 4.34 4.87
N MET A 183 17.18 4.04 5.79
CA MET A 183 18.60 4.41 5.65
C MET A 183 19.13 3.87 4.32
N SER A 184 18.83 2.59 4.03
CA SER A 184 19.25 1.92 2.76
C SER A 184 18.71 2.69 1.55
N LYS A 185 17.46 3.13 1.59
CA LYS A 185 16.85 3.73 0.37
C LYS A 185 17.34 5.18 0.20
N TYR A 186 17.49 5.95 1.26
CA TYR A 186 17.65 7.43 1.15
C TYR A 186 18.93 7.97 1.79
N GLY A 187 19.98 7.16 1.84
CA GLY A 187 21.34 7.61 2.19
C GLY A 187 21.75 8.91 1.50
N LYS A 188 21.31 9.14 0.26
CA LYS A 188 21.63 10.37 -0.53
C LYS A 188 20.74 11.58 -0.18
N ALA A 189 19.89 11.52 0.85
CA ALA A 189 19.17 12.72 1.34
C ALA A 189 20.20 13.76 1.83
N LYS A 190 20.13 14.99 1.36
CA LYS A 190 20.99 16.09 1.88
C LYS A 190 20.30 16.74 3.09
N LEU A 191 18.99 16.55 3.24
CA LEU A 191 18.21 17.16 4.34
C LEU A 191 17.08 16.21 4.73
N VAL A 192 16.89 16.03 6.03
CA VAL A 192 15.78 15.22 6.60
C VAL A 192 14.94 16.17 7.43
N VAL A 193 13.69 16.38 6.99
CA VAL A 193 12.70 17.16 7.76
C VAL A 193 11.80 16.16 8.48
N SER A 194 11.62 16.35 9.77
CA SER A 194 10.76 15.46 10.59
C SER A 194 9.56 16.26 11.07
N SER A 195 8.58 15.57 11.63
CA SER A 195 7.36 16.21 12.20
C SER A 195 7.67 17.14 13.38
N HIS A 196 8.57 16.74 14.28
CA HIS A 196 8.68 17.37 15.62
C HIS A 196 10.12 17.67 16.01
N SER A 197 11.09 17.37 15.16
CA SER A 197 12.51 17.60 15.51
C SER A 197 13.09 18.65 14.58
N GLU A 198 14.28 19.13 14.92
CA GLU A 198 15.09 20.07 14.10
C GLU A 198 15.43 19.34 12.80
N LYS A 199 15.37 20.03 11.67
CA LYS A 199 15.85 19.47 10.38
C LYS A 199 17.35 19.17 10.55
N GLY A 200 17.84 18.20 9.78
CA GLY A 200 19.25 17.79 9.86
C GLY A 200 19.67 17.02 8.66
N ASP A 201 20.81 16.33 8.78
CA ASP A 201 21.42 15.61 7.64
C ASP A 201 20.88 14.16 7.67
N ALA A 202 21.31 13.35 6.72
CA ALA A 202 20.97 11.91 6.60
C ALA A 202 21.21 11.16 7.93
N SER A 203 22.09 11.64 8.82
CA SER A 203 22.39 10.87 10.07
C SER A 203 21.15 10.79 10.97
N LEU A 204 20.12 11.65 10.76
CA LEU A 204 18.89 11.55 11.58
C LEU A 204 18.23 10.18 11.37
N MET A 205 18.41 9.58 10.20
CA MET A 205 17.88 8.22 9.96
C MET A 205 18.60 7.23 10.89
N LYS A 206 19.91 7.38 11.04
CA LYS A 206 20.72 6.48 11.93
C LYS A 206 20.34 6.76 13.40
N ARG A 207 20.15 8.03 13.77
CA ARG A 207 19.73 8.39 15.14
C ARG A 207 18.38 7.71 15.43
N THR A 208 17.46 7.73 14.46
CA THR A 208 16.12 7.09 14.60
C THR A 208 16.28 5.60 14.84
N TRP A 209 17.11 4.96 14.02
CA TRP A 209 17.45 3.52 14.21
C TRP A 209 17.88 3.28 15.68
N GLU A 210 18.79 4.11 16.18
CA GLU A 210 19.33 3.95 17.56
C GLU A 210 18.23 4.14 18.60
N GLN A 211 17.36 5.15 18.38
CA GLN A 211 16.28 5.48 19.36
C GLN A 211 15.25 4.36 19.37
N ALA A 212 14.94 3.84 18.19
CA ALA A 212 13.97 2.73 18.06
C ALA A 212 14.50 1.52 18.86
N LEU A 213 15.76 1.19 18.67
CA LEU A 213 16.38 0.02 19.38
C LEU A 213 16.31 0.26 20.88
N LYS A 214 16.68 1.47 21.29
CA LYS A 214 16.71 1.88 22.72
C LYS A 214 15.30 1.72 23.30
N GLY A 215 14.27 2.19 22.57
CA GLY A 215 12.88 2.09 23.04
C GLY A 215 12.39 0.66 23.08
N LEU A 216 12.77 -0.15 22.09
CA LEU A 216 12.40 -1.58 22.07
C LEU A 216 13.02 -2.26 23.31
N LYS A 217 14.31 -2.04 23.57
CA LYS A 217 15.01 -2.65 24.74
C LYS A 217 14.30 -2.22 26.02
N GLU A 218 13.95 -0.92 26.15
CA GLU A 218 13.18 -0.36 27.30
C GLU A 218 11.84 -1.07 27.48
N SER A 219 11.06 -1.23 26.41
CA SER A 219 9.67 -1.78 26.48
C SER A 219 9.67 -3.19 27.11
N LYS A 220 10.81 -3.88 27.17
CA LYS A 220 10.92 -5.24 27.77
C LYS A 220 11.50 -5.13 29.19
N LYS A 221 10.66 -4.77 30.18
CA LYS A 221 11.00 -4.72 31.63
C LYS A 221 12.06 -5.79 31.94
N LEU B 3 -5.24 -3.96 13.18
CA LEU B 3 -5.25 -3.45 11.76
C LEU B 3 -6.69 -3.45 11.25
N PRO B 4 -7.04 -2.63 10.26
CA PRO B 4 -8.43 -2.56 9.80
C PRO B 4 -8.96 -3.86 9.19
N ASP B 5 -10.29 -3.96 9.19
CA ASP B 5 -11.06 -5.05 8.56
C ASP B 5 -10.86 -5.01 7.05
N LEU B 6 -11.09 -6.16 6.43
CA LEU B 6 -11.19 -6.33 4.97
C LEU B 6 -12.15 -5.28 4.40
N LYS B 7 -11.82 -4.75 3.22
CA LYS B 7 -12.66 -3.80 2.44
C LYS B 7 -13.17 -4.54 1.21
N ILE B 8 -14.37 -4.21 0.72
CA ILE B 8 -14.94 -4.82 -0.51
C ILE B 8 -15.46 -3.66 -1.34
N GLU B 9 -15.12 -3.63 -2.63
CA GLU B 9 -15.46 -2.52 -3.53
C GLU B 9 -15.83 -3.10 -4.89
N LYS B 10 -16.91 -2.59 -5.48
CA LYS B 10 -17.39 -3.07 -6.79
C LYS B 10 -16.49 -2.51 -7.90
N LEU B 11 -16.02 -3.37 -8.79
CA LEU B 11 -15.25 -2.95 -10.00
C LEU B 11 -16.22 -2.70 -11.15
N GLU B 12 -17.20 -3.58 -11.30
CA GLU B 12 -18.08 -3.68 -12.47
C GLU B 12 -19.19 -4.65 -12.08
N GLU B 13 -20.21 -4.78 -12.91
CA GLU B 13 -21.25 -5.82 -12.76
C GLU B 13 -20.56 -7.16 -12.49
N GLY B 14 -20.81 -7.74 -11.32
CA GLY B 14 -20.42 -9.12 -10.95
C GLY B 14 -18.94 -9.29 -10.63
N VAL B 15 -18.20 -8.19 -10.43
CA VAL B 15 -16.75 -8.26 -10.12
C VAL B 15 -16.43 -7.26 -9.01
N PHE B 16 -15.88 -7.78 -7.92
CA PHE B 16 -15.55 -7.01 -6.71
C PHE B 16 -14.07 -7.21 -6.40
N VAL B 17 -13.46 -6.16 -5.86
CA VAL B 17 -12.11 -6.24 -5.26
C VAL B 17 -12.24 -6.35 -3.75
N HIS B 18 -11.53 -7.30 -3.16
CA HIS B 18 -11.38 -7.38 -1.70
C HIS B 18 -9.95 -6.98 -1.35
N THR B 19 -9.80 -6.17 -0.31
CA THR B 19 -8.49 -5.66 0.14
C THR B 19 -8.32 -6.00 1.60
N SER B 20 -7.22 -6.65 1.95
CA SER B 20 -6.94 -7.06 3.35
C SER B 20 -5.54 -6.58 3.70
N PHE B 21 -5.30 -6.44 5.00
CA PHE B 21 -4.05 -5.86 5.54
C PHE B 21 -3.52 -6.85 6.55
N GLU B 22 -2.25 -7.19 6.50
CA GLU B 22 -1.64 -8.09 7.52
C GLU B 22 -0.17 -7.73 7.67
N GLU B 23 0.32 -7.67 8.90
CA GLU B 23 1.77 -7.50 9.12
C GLU B 23 2.41 -8.86 8.90
N VAL B 24 3.45 -8.94 8.08
CA VAL B 24 4.12 -10.23 7.78
C VAL B 24 5.64 -10.01 7.93
N ASN B 25 6.24 -10.74 8.88
CA ASN B 25 7.69 -10.68 9.26
C ASN B 25 8.54 -10.20 8.07
N GLY B 26 9.08 -8.99 8.21
CA GLY B 26 10.08 -8.41 7.29
C GLY B 26 9.46 -7.57 6.18
N TRP B 27 8.14 -7.61 5.96
CA TRP B 27 7.48 -6.86 4.84
C TRP B 27 6.62 -5.71 5.40
N GLY B 28 6.54 -5.58 6.73
CA GLY B 28 5.61 -4.65 7.40
C GLY B 28 4.17 -5.01 7.07
N VAL B 29 3.27 -4.03 7.06
CA VAL B 29 1.84 -4.28 6.77
C VAL B 29 1.75 -4.40 5.26
N VAL B 30 1.23 -5.53 4.81
CA VAL B 30 1.00 -5.79 3.37
C VAL B 30 -0.45 -5.46 3.08
N THR B 31 -0.70 -4.71 2.03
CA THR B 31 -2.03 -4.45 1.48
C THR B 31 -2.20 -5.45 0.30
N LYS B 32 -3.22 -6.30 0.34
CA LYS B 32 -3.42 -7.36 -0.67
C LYS B 32 -4.80 -7.22 -1.31
N HIS B 33 -4.86 -7.13 -2.62
CA HIS B 33 -6.13 -7.18 -3.39
C HIS B 33 -6.37 -8.58 -3.94
N GLY B 34 -7.60 -9.08 -3.80
CA GLY B 34 -8.15 -10.22 -4.54
C GLY B 34 -9.44 -9.80 -5.25
N LEU B 35 -10.11 -10.74 -5.93
CA LEU B 35 -11.44 -10.48 -6.56
C LEU B 35 -12.49 -11.42 -5.97
N VAL B 36 -13.75 -11.05 -6.13
CA VAL B 36 -14.91 -11.97 -6.08
C VAL B 36 -15.67 -11.83 -7.40
N VAL B 37 -15.94 -12.97 -8.02
CA VAL B 37 -16.62 -13.01 -9.34
C VAL B 37 -17.97 -13.70 -9.17
N LEU B 38 -19.03 -13.07 -9.65
CA LEU B 38 -20.41 -13.60 -9.57
C LEU B 38 -20.77 -14.19 -10.91
N VAL B 39 -21.22 -15.45 -10.90
CA VAL B 39 -21.84 -16.14 -12.06
C VAL B 39 -23.25 -16.51 -11.61
N ASN B 40 -24.27 -15.80 -12.11
CA ASN B 40 -25.68 -15.94 -11.66
C ASN B 40 -25.69 -15.77 -10.13
N THR B 41 -26.11 -16.79 -9.37
CA THR B 41 -26.24 -16.73 -7.89
C THR B 41 -25.00 -17.36 -7.23
N ASP B 42 -23.95 -17.69 -8.00
CA ASP B 42 -22.71 -18.33 -7.48
C ASP B 42 -21.61 -17.26 -7.40
N ALA B 43 -20.78 -17.33 -6.36
CA ALA B 43 -19.61 -16.44 -6.14
C ALA B 43 -18.34 -17.28 -6.13
N TYR B 44 -17.27 -16.73 -6.69
CA TYR B 44 -15.93 -17.36 -6.68
C TYR B 44 -14.93 -16.40 -6.08
N LEU B 45 -14.11 -16.86 -5.12
CA LEU B 45 -13.02 -16.04 -4.55
C LEU B 45 -11.77 -16.23 -5.40
N ILE B 46 -11.22 -15.13 -5.88
CA ILE B 46 -9.90 -15.09 -6.58
C ILE B 46 -8.88 -14.59 -5.57
N ASP B 47 -8.12 -15.53 -4.99
CA ASP B 47 -7.22 -15.37 -3.83
C ASP B 47 -8.08 -15.25 -2.56
N THR B 48 -7.56 -15.81 -1.47
CA THR B 48 -8.15 -15.63 -0.12
C THR B 48 -7.47 -14.43 0.54
N PRO B 49 -8.21 -13.68 1.39
CA PRO B 49 -7.57 -12.75 2.31
C PRO B 49 -6.62 -13.52 3.23
N PHE B 50 -5.82 -12.79 3.98
CA PHE B 50 -4.74 -13.34 4.82
C PHE B 50 -5.28 -14.27 5.90
N THR B 51 -6.45 -14.00 6.48
CA THR B 51 -6.88 -14.61 7.78
C THR B 51 -8.23 -15.31 7.62
N ALA B 52 -8.47 -16.29 8.49
CA ALA B 52 -9.81 -16.93 8.65
C ALA B 52 -10.87 -15.84 8.85
N THR B 53 -10.59 -14.89 9.76
CA THR B 53 -11.51 -13.77 10.12
C THR B 53 -11.94 -13.00 8.87
N ASP B 54 -10.97 -12.51 8.09
CA ASP B 54 -11.26 -11.70 6.87
C ASP B 54 -11.98 -12.59 5.86
N THR B 55 -11.60 -13.87 5.71
CA THR B 55 -12.23 -14.78 4.73
C THR B 55 -13.70 -14.96 5.13
N GLU B 56 -13.98 -15.11 6.42
CA GLU B 56 -15.37 -15.26 6.95
C GLU B 56 -16.17 -13.99 6.62
N LYS B 57 -15.61 -12.81 6.89
CA LYS B 57 -16.28 -11.51 6.62
C LYS B 57 -16.58 -11.40 5.12
N LEU B 58 -15.62 -11.83 4.27
CA LEU B 58 -15.81 -11.75 2.80
C LEU B 58 -16.95 -12.69 2.38
N VAL B 59 -16.88 -13.95 2.81
CA VAL B 59 -17.91 -14.98 2.47
C VAL B 59 -19.27 -14.45 2.95
N ASN B 60 -19.35 -14.03 4.22
CA ASN B 60 -20.63 -13.58 4.84
C ASN B 60 -21.22 -12.41 4.07
N TRP B 61 -20.37 -11.52 3.56
CA TRP B 61 -20.87 -10.33 2.84
C TRP B 61 -21.63 -10.75 1.57
N PHE B 62 -21.16 -11.79 0.87
CA PHE B 62 -21.80 -12.27 -0.39
C PHE B 62 -22.98 -13.17 -0.04
N VAL B 63 -22.85 -13.95 1.04
CA VAL B 63 -23.96 -14.82 1.55
C VAL B 63 -25.18 -13.92 1.85
N GLU B 64 -24.99 -12.80 2.57
CA GLU B 64 -26.04 -11.82 2.94
C GLU B 64 -26.73 -11.26 1.70
N ARG B 65 -26.07 -11.20 0.54
CA ARG B 65 -26.66 -10.64 -0.70
C ARG B 65 -27.22 -11.78 -1.57
N GLY B 66 -27.22 -13.02 -1.08
CA GLY B 66 -27.95 -14.13 -1.70
C GLY B 66 -27.06 -15.08 -2.50
N TYR B 67 -25.74 -14.92 -2.42
CA TYR B 67 -24.77 -15.69 -3.24
C TYR B 67 -24.25 -16.90 -2.45
N GLU B 68 -24.09 -18.03 -3.15
CA GLU B 68 -23.38 -19.22 -2.62
C GLU B 68 -21.91 -19.12 -3.03
N ILE B 69 -20.99 -19.41 -2.11
CA ILE B 69 -19.54 -19.44 -2.47
C ILE B 69 -19.22 -20.82 -3.04
N LYS B 70 -19.12 -20.92 -4.37
CA LYS B 70 -18.97 -22.21 -5.09
C LYS B 70 -17.51 -22.66 -5.12
N GLY B 71 -16.54 -21.75 -5.01
CA GLY B 71 -15.14 -22.15 -5.12
C GLY B 71 -14.19 -20.98 -4.94
N THR B 72 -12.96 -21.30 -4.58
CA THR B 72 -11.84 -20.35 -4.45
C THR B 72 -10.64 -20.87 -5.24
N ILE B 73 -9.87 -19.95 -5.81
CA ILE B 73 -8.59 -20.26 -6.48
C ILE B 73 -7.50 -19.38 -5.86
N SER B 74 -6.41 -20.00 -5.44
CA SER B 74 -5.19 -19.31 -4.94
C SER B 74 -4.18 -19.19 -6.08
N SER B 75 -3.74 -17.96 -6.37
CA SER B 75 -2.88 -17.63 -7.53
C SER B 75 -1.48 -18.17 -7.27
N HIS B 76 -1.07 -18.34 -6.01
CA HIS B 76 0.25 -18.93 -5.73
C HIS B 76 0.33 -19.31 -4.27
N PHE B 77 1.46 -19.89 -3.86
CA PHE B 77 1.53 -20.56 -2.54
C PHE B 77 1.70 -19.59 -1.37
N HIS B 78 2.12 -18.33 -1.58
CA HIS B 78 2.37 -17.39 -0.44
C HIS B 78 1.08 -17.10 0.34
N SER B 79 1.23 -16.61 1.59
CA SER B 79 0.12 -16.45 2.56
C SER B 79 -0.87 -15.37 2.10
N ASP B 80 -0.44 -14.41 1.28
CA ASP B 80 -1.38 -13.34 0.82
C ASP B 80 -2.42 -13.91 -0.15
N SER B 81 -2.22 -15.12 -0.70
CA SER B 81 -3.18 -15.78 -1.63
C SER B 81 -3.91 -16.97 -0.96
N THR B 82 -3.33 -17.55 0.09
CA THR B 82 -3.75 -18.89 0.58
C THR B 82 -4.24 -18.84 2.04
N GLY B 83 -4.14 -17.72 2.74
CA GLY B 83 -4.32 -17.67 4.21
C GLY B 83 -5.70 -18.17 4.65
N GLY B 84 -6.72 -17.96 3.83
CA GLY B 84 -8.10 -18.40 4.09
C GLY B 84 -8.38 -19.88 3.81
N ILE B 85 -7.46 -20.63 3.20
CA ILE B 85 -7.77 -22.01 2.71
C ILE B 85 -8.25 -22.89 3.88
N GLU B 86 -7.53 -22.93 4.99
CA GLU B 86 -7.90 -23.78 6.15
C GLU B 86 -9.35 -23.50 6.57
N TRP B 87 -9.72 -22.24 6.70
CA TRP B 87 -11.09 -21.88 7.12
C TRP B 87 -12.11 -22.32 6.05
N LEU B 88 -11.85 -22.04 4.78
CA LEU B 88 -12.81 -22.43 3.71
C LEU B 88 -13.00 -23.97 3.71
N ASN B 89 -11.92 -24.74 3.91
CA ASN B 89 -11.97 -26.22 3.96
C ASN B 89 -12.94 -26.63 5.10
N SER B 90 -12.83 -25.99 6.27
CA SER B 90 -13.64 -26.33 7.48
C SER B 90 -15.11 -26.02 7.21
N GLN B 91 -15.41 -25.13 6.26
CA GLN B 91 -16.80 -24.78 5.86
C GLN B 91 -17.22 -25.59 4.65
N SER B 92 -16.39 -26.51 4.15
CA SER B 92 -16.69 -27.32 2.94
C SER B 92 -16.95 -26.41 1.73
N ILE B 93 -16.23 -25.28 1.65
CA ILE B 93 -16.23 -24.44 0.41
C ILE B 93 -15.02 -24.92 -0.40
N PRO B 94 -15.24 -25.43 -1.63
CA PRO B 94 -14.16 -26.01 -2.44
C PRO B 94 -13.00 -25.03 -2.67
N THR B 95 -11.78 -25.41 -2.25
CA THR B 95 -10.54 -24.64 -2.51
C THR B 95 -9.72 -25.31 -3.62
N TYR B 96 -9.18 -24.48 -4.51
CA TYR B 96 -8.43 -24.90 -5.73
C TYR B 96 -7.05 -24.27 -5.70
N ALA B 97 -6.05 -25.07 -6.06
CA ALA B 97 -4.67 -24.63 -6.30
C ALA B 97 -4.03 -25.61 -7.29
N SER B 98 -3.01 -25.19 -8.00
CA SER B 98 -2.27 -26.07 -8.91
C SER B 98 -1.62 -27.15 -8.03
N GLU B 99 -1.28 -28.27 -8.63
CA GLU B 99 -0.56 -29.35 -7.92
C GLU B 99 0.76 -28.79 -7.42
N LEU B 100 1.40 -27.94 -8.21
CA LEU B 100 2.69 -27.33 -7.85
C LEU B 100 2.47 -26.46 -6.60
N THR B 101 1.46 -25.60 -6.61
CA THR B 101 1.14 -24.73 -5.47
C THR B 101 0.90 -25.59 -4.23
N ASN B 102 0.09 -26.65 -4.36
CA ASN B 102 -0.24 -27.50 -3.19
C ASN B 102 1.03 -28.15 -2.64
N GLU B 103 1.97 -28.54 -3.49
CA GLU B 103 3.23 -29.15 -3.00
C GLU B 103 4.13 -28.10 -2.36
N LEU B 104 4.07 -26.85 -2.82
CA LEU B 104 4.85 -25.75 -2.20
C LEU B 104 4.24 -25.40 -0.84
N LEU B 105 2.92 -25.40 -0.72
CA LEU B 105 2.22 -25.26 0.58
C LEU B 105 2.65 -26.37 1.54
N LYS B 106 2.62 -27.63 1.09
CA LYS B 106 3.04 -28.79 1.91
C LYS B 106 4.48 -28.58 2.39
N LYS B 107 5.41 -28.29 1.49
CA LYS B 107 6.86 -28.06 1.78
C LYS B 107 7.03 -26.91 2.79
N SER B 108 6.11 -25.94 2.80
CA SER B 108 6.09 -24.77 3.73
C SER B 108 5.34 -25.09 5.02
N GLY B 109 4.77 -26.29 5.15
CA GLY B 109 4.03 -26.73 6.35
C GLY B 109 2.70 -26.00 6.50
N LYS B 110 2.06 -25.64 5.37
CA LYS B 110 0.77 -24.92 5.34
C LYS B 110 -0.32 -25.90 4.89
N VAL B 111 -1.56 -25.57 5.18
CA VAL B 111 -2.74 -26.38 4.73
C VAL B 111 -2.87 -26.24 3.21
N GLN B 112 -3.27 -27.33 2.55
CA GLN B 112 -3.40 -27.40 1.07
C GLN B 112 -4.83 -27.12 0.65
N ALA B 113 -5.03 -26.64 -0.57
CA ALA B 113 -6.36 -26.56 -1.19
C ALA B 113 -6.85 -28.01 -1.35
N LYS B 114 -8.15 -28.23 -1.37
CA LYS B 114 -8.73 -29.60 -1.38
C LYS B 114 -8.62 -30.15 -2.81
N TYR B 115 -8.78 -29.30 -3.83
CA TYR B 115 -8.80 -29.69 -5.25
C TYR B 115 -7.60 -29.08 -5.98
N SER B 116 -6.91 -29.87 -6.78
CA SER B 116 -5.74 -29.37 -7.55
C SER B 116 -5.88 -29.75 -9.00
N PHE B 117 -5.07 -29.12 -9.86
CA PHE B 117 -5.08 -29.32 -11.32
C PHE B 117 -3.66 -29.06 -11.80
N SER B 118 -3.26 -29.58 -12.95
CA SER B 118 -1.90 -29.39 -13.50
C SER B 118 -1.93 -28.67 -14.86
N GLU B 119 -3.10 -28.54 -15.48
N GLU B 119 -3.11 -28.56 -15.49
CA GLU B 119 -3.23 -27.97 -16.84
CA GLU B 119 -3.30 -27.94 -16.84
C GLU B 119 -2.83 -26.49 -16.81
C GLU B 119 -2.77 -26.50 -16.79
N VAL B 120 -2.16 -26.04 -17.87
CA VAL B 120 -1.64 -24.66 -18.03
C VAL B 120 -2.80 -23.67 -18.13
N SER B 121 -3.83 -24.01 -18.92
CA SER B 121 -5.14 -23.30 -18.97
C SER B 121 -6.20 -24.20 -18.31
N TYR B 122 -6.74 -23.78 -17.18
CA TYR B 122 -7.76 -24.53 -16.42
C TYR B 122 -9.01 -23.68 -16.28
N TRP B 123 -10.14 -24.19 -16.78
CA TRP B 123 -11.41 -23.42 -16.75
C TRP B 123 -12.07 -23.78 -15.43
N LEU B 124 -11.98 -22.90 -14.43
CA LEU B 124 -12.63 -23.09 -13.12
C LEU B 124 -14.14 -23.05 -13.35
N VAL B 125 -14.60 -22.10 -14.15
CA VAL B 125 -15.99 -22.02 -14.70
C VAL B 125 -15.89 -21.83 -16.22
N LYS B 126 -16.42 -22.79 -17.00
CA LYS B 126 -16.31 -22.81 -18.49
C LYS B 126 -16.79 -21.47 -19.05
N ASN B 127 -15.97 -20.82 -19.88
CA ASN B 127 -16.29 -19.56 -20.60
C ASN B 127 -16.43 -18.36 -19.66
N LYS B 128 -16.17 -18.52 -18.36
CA LYS B 128 -16.39 -17.45 -17.34
C LYS B 128 -15.10 -17.17 -16.55
N ILE B 129 -14.38 -18.20 -16.09
CA ILE B 129 -13.18 -18.03 -15.22
C ILE B 129 -12.11 -19.00 -15.69
N GLU B 130 -11.05 -18.43 -16.29
CA GLU B 130 -9.89 -19.17 -16.79
C GLU B 130 -8.74 -18.92 -15.83
N VAL B 131 -8.10 -20.00 -15.37
CA VAL B 131 -6.83 -19.91 -14.59
C VAL B 131 -5.70 -20.28 -15.56
N PHE B 132 -4.72 -19.42 -15.65
CA PHE B 132 -3.65 -19.52 -16.67
C PHE B 132 -2.30 -19.43 -15.99
N TYR B 133 -1.39 -20.32 -16.37
CA TYR B 133 0.01 -20.29 -15.92
C TYR B 133 0.79 -19.64 -17.06
N PRO B 134 1.23 -18.36 -16.95
CA PRO B 134 2.01 -17.74 -18.03
C PRO B 134 3.46 -18.23 -18.01
N GLY B 135 3.87 -18.88 -16.92
CA GLY B 135 5.26 -19.22 -16.62
C GLY B 135 5.72 -18.54 -15.32
N PRO B 136 6.90 -18.89 -14.82
CA PRO B 136 7.38 -18.35 -13.57
C PRO B 136 7.63 -16.84 -13.67
N GLY B 137 7.54 -16.17 -12.53
CA GLY B 137 7.89 -14.74 -12.37
C GLY B 137 8.14 -14.44 -10.92
N HIS B 138 7.14 -13.85 -10.28
CA HIS B 138 7.10 -13.63 -8.81
C HIS B 138 7.40 -14.93 -8.08
N THR B 139 6.80 -16.04 -8.55
CA THR B 139 7.14 -17.39 -8.02
C THR B 139 7.12 -18.37 -9.20
N GLN B 140 7.57 -19.59 -8.92
CA GLN B 140 7.60 -20.71 -9.91
C GLN B 140 6.17 -21.08 -10.30
N ASP B 141 5.22 -20.91 -9.37
CA ASP B 141 3.83 -21.46 -9.47
C ASP B 141 2.79 -20.40 -9.85
N ASN B 142 3.17 -19.13 -10.03
CA ASN B 142 2.20 -18.01 -10.07
C ASN B 142 1.25 -18.17 -11.25
N LEU B 143 -0.03 -17.99 -10.93
CA LEU B 143 -1.13 -18.05 -11.89
C LEU B 143 -1.79 -16.70 -12.01
N VAL B 144 -2.48 -16.49 -13.12
CA VAL B 144 -3.35 -15.32 -13.36
C VAL B 144 -4.73 -15.84 -13.64
N VAL B 145 -5.73 -14.97 -13.49
CA VAL B 145 -7.13 -15.36 -13.69
C VAL B 145 -7.77 -14.40 -14.69
N TRP B 146 -8.43 -14.96 -15.70
CA TRP B 146 -8.99 -14.19 -16.84
C TRP B 146 -10.50 -14.34 -16.84
N LEU B 147 -11.21 -13.23 -16.95
CA LEU B 147 -12.69 -13.14 -16.97
C LEU B 147 -13.08 -12.66 -18.35
N PRO B 148 -13.38 -13.60 -19.30
CA PRO B 148 -13.58 -13.27 -20.71
C PRO B 148 -14.68 -12.24 -20.97
N GLU B 149 -15.77 -12.28 -20.20
CA GLU B 149 -16.94 -11.39 -20.47
C GLU B 149 -16.57 -9.95 -20.11
N SER B 150 -15.93 -9.73 -18.95
CA SER B 150 -15.56 -8.38 -18.46
C SER B 150 -14.22 -7.93 -19.05
N LYS B 151 -13.44 -8.86 -19.63
CA LYS B 151 -12.06 -8.62 -20.11
C LYS B 151 -11.19 -8.12 -18.95
N ILE B 152 -11.42 -8.62 -17.73
CA ILE B 152 -10.55 -8.30 -16.57
C ILE B 152 -9.55 -9.44 -16.40
N LEU B 153 -8.30 -9.06 -16.19
CA LEU B 153 -7.21 -9.98 -15.80
C LEU B 153 -6.82 -9.70 -14.36
N PHE B 154 -6.88 -10.74 -13.52
CA PHE B 154 -6.30 -10.67 -12.16
C PHE B 154 -4.90 -11.25 -12.25
N GLY B 155 -3.90 -10.42 -12.06
CA GLY B 155 -2.49 -10.79 -12.27
C GLY B 155 -1.83 -11.19 -10.97
N GLY B 156 -2.47 -11.02 -9.82
CA GLY B 156 -1.89 -11.38 -8.52
C GLY B 156 -0.57 -10.68 -8.28
N CYS B 157 0.41 -11.41 -7.75
CA CYS B 157 1.73 -10.88 -7.37
C CYS B 157 2.66 -10.91 -8.59
N PHE B 158 2.18 -11.38 -9.75
CA PHE B 158 2.94 -11.43 -11.02
C PHE B 158 2.93 -10.05 -11.69
N ILE B 159 1.82 -9.31 -11.60
CA ILE B 159 1.75 -7.93 -12.17
C ILE B 159 2.43 -6.97 -11.18
N LYS B 160 3.49 -6.31 -11.63
CA LYS B 160 4.38 -5.46 -10.79
C LYS B 160 4.83 -4.25 -11.60
N PRO B 161 3.92 -3.26 -11.82
CA PRO B 161 4.20 -2.12 -12.70
C PRO B 161 5.21 -1.09 -12.18
N HIS B 162 5.57 -1.15 -10.89
CA HIS B 162 6.52 -0.20 -10.25
C HIS B 162 7.18 -0.88 -9.07
N GLY B 163 8.14 -1.76 -9.33
CA GLY B 163 8.92 -2.46 -8.29
C GLY B 163 8.41 -3.89 -8.13
N LEU B 164 9.32 -4.87 -8.14
CA LEU B 164 8.99 -6.33 -8.24
C LEU B 164 8.63 -6.90 -6.87
N GLY B 165 8.99 -6.19 -5.79
CA GLY B 165 8.67 -6.60 -4.41
C GLY B 165 9.50 -7.78 -3.97
N ASN B 166 8.88 -8.79 -3.35
CA ASN B 166 9.59 -9.94 -2.72
C ASN B 166 10.21 -10.83 -3.82
N LEU B 167 11.54 -10.88 -3.91
CA LEU B 167 12.29 -11.66 -4.92
C LEU B 167 12.78 -12.97 -4.30
N GLY B 168 12.50 -13.22 -3.02
CA GLY B 168 12.93 -14.44 -2.30
C GLY B 168 12.67 -15.72 -3.10
N ASP B 169 11.53 -15.82 -3.80
CA ASP B 169 11.10 -17.08 -4.47
C ASP B 169 10.92 -16.83 -5.97
N ALA B 170 11.46 -15.72 -6.47
CA ALA B 170 11.18 -15.22 -7.84
C ALA B 170 12.09 -15.90 -8.88
N ASN B 171 11.69 -15.86 -10.14
CA ASN B 171 12.44 -16.40 -11.30
C ASN B 171 12.68 -15.24 -12.27
N LEU B 172 13.74 -14.46 -12.04
CA LEU B 172 14.01 -13.22 -12.83
C LEU B 172 14.29 -13.57 -14.29
N GLU B 173 14.95 -14.70 -14.55
CA GLU B 173 15.26 -15.19 -15.93
C GLU B 173 13.97 -15.41 -16.70
N ALA B 174 12.95 -16.01 -16.06
CA ALA B 174 11.71 -16.45 -16.77
C ALA B 174 10.70 -15.30 -16.85
N TRP B 175 10.76 -14.38 -15.90
CA TRP B 175 9.65 -13.42 -15.71
C TRP B 175 9.37 -12.65 -16.99
N PRO B 176 10.40 -12.09 -17.69
CA PRO B 176 10.13 -11.36 -18.93
C PRO B 176 9.43 -12.23 -19.98
N LYS B 177 9.84 -13.49 -20.12
CA LYS B 177 9.22 -14.43 -21.09
C LYS B 177 7.76 -14.66 -20.69
N SER B 178 7.52 -14.92 -19.40
CA SER B 178 6.17 -15.15 -18.85
C SER B 178 5.34 -13.89 -19.09
N ALA B 179 5.92 -12.71 -18.93
CA ALA B 179 5.20 -11.42 -19.14
C ALA B 179 4.85 -11.26 -20.62
N LYS B 180 5.75 -11.66 -21.53
CA LYS B 180 5.49 -11.61 -23.00
C LYS B 180 4.35 -12.56 -23.32
N ILE B 181 4.39 -13.79 -22.80
CA ILE B 181 3.32 -14.78 -23.03
C ILE B 181 1.99 -14.15 -22.61
N LEU B 182 1.96 -13.51 -21.45
CA LEU B 182 0.73 -12.91 -20.89
C LEU B 182 0.22 -11.82 -21.82
N MET B 183 1.10 -10.88 -22.19
CA MET B 183 0.79 -9.76 -23.11
C MET B 183 0.20 -10.31 -24.41
N SER B 184 0.83 -11.35 -24.98
CA SER B 184 0.38 -12.01 -26.23
C SER B 184 -1.04 -12.54 -26.05
N LYS B 185 -1.34 -13.15 -24.90
CA LYS B 185 -2.63 -13.87 -24.74
C LYS B 185 -3.75 -12.87 -24.45
N TYR B 186 -3.48 -11.82 -23.67
CA TYR B 186 -4.57 -10.99 -23.08
C TYR B 186 -4.44 -9.51 -23.48
N GLY B 187 -3.82 -9.21 -24.62
CA GLY B 187 -3.73 -7.84 -25.17
C GLY B 187 -5.06 -7.10 -25.13
N LYS B 188 -6.19 -7.79 -25.33
CA LYS B 188 -7.56 -7.21 -25.37
C LYS B 188 -8.16 -7.06 -23.97
N ALA B 189 -7.40 -7.29 -22.90
CA ALA B 189 -7.78 -6.99 -21.50
C ALA B 189 -8.11 -5.50 -21.38
N LYS B 190 -9.27 -5.17 -20.86
CA LYS B 190 -9.65 -3.75 -20.58
C LYS B 190 -9.11 -3.34 -19.22
N LEU B 191 -8.93 -4.28 -18.29
CA LEU B 191 -8.57 -3.96 -16.88
C LEU B 191 -7.61 -5.02 -16.33
N VAL B 192 -6.56 -4.58 -15.66
CA VAL B 192 -5.56 -5.47 -14.99
C VAL B 192 -5.58 -5.15 -13.50
N VAL B 193 -6.02 -6.13 -12.70
CA VAL B 193 -6.00 -6.00 -11.22
C VAL B 193 -4.79 -6.78 -10.71
N SER B 194 -3.97 -6.14 -9.88
CA SER B 194 -2.79 -6.77 -9.27
C SER B 194 -2.99 -6.94 -7.77
N SER B 195 -2.11 -7.69 -7.12
CA SER B 195 -2.13 -7.93 -5.66
C SER B 195 -1.87 -6.63 -4.86
N HIS B 196 -0.92 -5.81 -5.29
CA HIS B 196 -0.34 -4.74 -4.42
C HIS B 196 -0.33 -3.37 -5.09
N SER B 197 -0.83 -3.24 -6.31
CA SER B 197 -0.69 -1.98 -7.06
C SER B 197 -2.07 -1.53 -7.47
N GLU B 198 -2.14 -0.29 -7.94
CA GLU B 198 -3.39 0.35 -8.44
C GLU B 198 -3.80 -0.43 -9.71
N LYS B 199 -5.09 -0.69 -9.87
CA LYS B 199 -5.65 -1.26 -11.12
C LYS B 199 -5.31 -0.32 -12.29
N GLY B 200 -5.20 -0.89 -13.49
CA GLY B 200 -4.91 -0.15 -14.73
C GLY B 200 -5.49 -0.83 -15.95
N ASP B 201 -5.13 -0.37 -17.14
CA ASP B 201 -5.56 -1.03 -18.41
C ASP B 201 -4.51 -2.08 -18.80
N ALA B 202 -4.66 -2.69 -19.98
CA ALA B 202 -3.77 -3.73 -20.54
C ALA B 202 -2.30 -3.33 -20.45
N SER B 203 -1.99 -2.02 -20.44
CA SER B 203 -0.60 -1.54 -20.44
C SER B 203 0.15 -2.01 -19.18
N LEU B 204 -0.54 -2.36 -18.09
CA LEU B 204 0.17 -2.83 -16.87
C LEU B 204 0.93 -4.12 -17.18
N MET B 205 0.47 -4.90 -18.15
CA MET B 205 1.21 -6.12 -18.56
C MET B 205 2.52 -5.70 -19.20
N LYS B 206 2.48 -4.65 -20.04
CA LYS B 206 3.67 -4.05 -20.69
C LYS B 206 4.58 -3.49 -19.59
N ARG B 207 4.03 -2.75 -18.61
CA ARG B 207 4.86 -2.15 -17.52
C ARG B 207 5.57 -3.30 -16.79
N THR B 208 4.86 -4.40 -16.52
CA THR B 208 5.41 -5.57 -15.78
C THR B 208 6.54 -6.18 -16.61
N TRP B 209 6.30 -6.37 -17.90
CA TRP B 209 7.38 -6.82 -18.83
C TRP B 209 8.60 -5.91 -18.67
N GLU B 210 8.42 -4.57 -18.73
CA GLU B 210 9.55 -3.59 -18.58
C GLU B 210 10.22 -3.77 -17.22
N GLN B 211 9.44 -3.86 -16.13
CA GLN B 211 9.98 -3.97 -14.75
C GLN B 211 10.72 -5.28 -14.56
N ALA B 212 10.18 -6.37 -15.11
CA ALA B 212 10.84 -7.70 -15.05
C ALA B 212 12.20 -7.57 -15.76
N LEU B 213 12.20 -7.03 -16.97
CA LEU B 213 13.49 -6.90 -17.75
C LEU B 213 14.47 -6.03 -16.97
N LYS B 214 13.96 -4.93 -16.39
CA LYS B 214 14.76 -3.99 -15.56
C LYS B 214 15.36 -4.76 -14.37
N GLY B 215 14.57 -5.58 -13.67
CA GLY B 215 15.02 -6.35 -12.50
C GLY B 215 16.02 -7.42 -12.90
N LEU B 216 15.80 -8.06 -14.05
CA LEU B 216 16.73 -9.09 -14.57
C LEU B 216 18.09 -8.40 -14.81
N LYS B 217 18.10 -7.27 -15.52
CA LYS B 217 19.35 -6.53 -15.83
C LYS B 217 20.06 -6.16 -14.51
N GLU B 218 19.31 -5.66 -13.52
CA GLU B 218 19.81 -5.31 -12.16
C GLU B 218 20.47 -6.53 -11.48
N SER B 219 19.91 -7.73 -11.64
CA SER B 219 20.42 -8.97 -11.00
C SER B 219 21.66 -9.49 -11.74
#